data_5V4C
#
_entry.id   5V4C
#
_entity_poly.entity_id   1
_entity_poly.type   'polypeptide(L)'
_entity_poly.pdbx_seq_one_letter_code
;NVHTFRGINGHNSSSSL
;
_entity_poly.pdbx_strand_id   A
#
# COMPACT_ATOMS: atom_id res chain seq x y z
N ASN A 1 8.11 6.65 -2.95
CA ASN A 1 8.87 6.96 -1.70
C ASN A 1 8.00 6.74 -0.42
N VAL A 2 8.70 6.50 0.71
CA VAL A 2 8.07 6.27 2.04
C VAL A 2 7.36 7.53 2.63
N HIS A 3 8.03 8.70 2.65
CA HIS A 3 7.49 9.98 3.18
C HIS A 3 6.23 10.54 2.45
N THR A 4 6.26 10.55 1.11
CA THR A 4 5.16 11.04 0.26
C THR A 4 4.05 9.97 0.09
N PHE A 5 4.35 8.87 -0.62
CA PHE A 5 3.41 7.76 -0.89
C PHE A 5 3.27 6.83 0.36
N ARG A 6 2.02 6.61 0.80
CA ARG A 6 1.69 5.75 1.96
C ARG A 6 1.62 4.26 1.55
N GLY A 7 0.54 3.92 0.82
CA GLY A 7 0.29 2.55 0.33
C GLY A 7 -0.65 1.73 1.23
N ILE A 8 -1.91 2.19 1.36
CA ILE A 8 -2.98 1.51 2.14
C ILE A 8 -3.43 0.22 1.38
N ASN A 9 -3.92 0.41 0.15
CA ASN A 9 -4.36 -0.67 -0.76
C ASN A 9 -3.26 -1.68 -1.18
N GLY A 10 -2.07 -1.15 -1.56
CA GLY A 10 -0.89 -1.98 -1.94
C GLY A 10 -0.48 -3.02 -0.87
N HIS A 11 -0.32 -2.57 0.40
CA HIS A 11 0.01 -3.45 1.54
C HIS A 11 -1.15 -4.44 1.90
N ASN A 12 -2.42 -4.01 1.79
CA ASN A 12 -3.61 -4.88 2.06
C ASN A 12 -3.71 -6.17 1.16
N SER A 13 -3.16 -6.15 -0.08
CA SER A 13 -3.14 -7.30 -1.00
C SER A 13 -1.74 -7.95 -1.18
N SER A 14 -0.63 -7.19 -1.32
CA SER A 14 0.72 -7.78 -1.45
C SER A 14 1.22 -8.48 -0.17
N SER A 15 1.09 -7.84 1.01
CA SER A 15 1.46 -8.46 2.30
C SER A 15 0.51 -9.65 2.71
N SER A 16 -0.68 -9.81 2.06
CA SER A 16 -1.63 -10.90 2.32
C SER A 16 -1.40 -12.05 1.29
N LEU A 17 -0.71 -13.11 1.72
CA LEU A 17 -0.40 -14.28 0.87
C LEU A 17 -1.59 -15.26 0.77
N ASN A 1 9.17 7.59 -2.55
CA ASN A 1 9.58 7.76 -1.12
C ASN A 1 8.45 7.31 -0.13
N VAL A 2 8.87 7.03 1.12
CA VAL A 2 7.98 6.59 2.23
C VAL A 2 6.95 7.69 2.68
N HIS A 3 7.40 8.94 2.89
CA HIS A 3 6.53 10.08 3.27
C HIS A 3 5.42 10.46 2.25
N THR A 4 5.79 10.54 0.96
CA THR A 4 4.88 10.84 -0.16
C THR A 4 3.96 9.63 -0.46
N PHE A 5 4.54 8.53 -0.99
CA PHE A 5 3.83 7.28 -1.30
C PHE A 5 3.81 6.39 -0.03
N ARG A 6 2.59 6.14 0.47
CA ARG A 6 2.35 5.31 1.67
C ARG A 6 2.09 3.83 1.29
N GLY A 7 0.88 3.56 0.80
CA GLY A 7 0.45 2.21 0.38
C GLY A 7 -0.56 1.59 1.35
N ILE A 8 -1.77 2.16 1.37
CA ILE A 8 -2.90 1.69 2.21
C ILE A 8 -3.45 0.36 1.61
N ASN A 9 -3.94 0.46 0.36
CA ASN A 9 -4.46 -0.69 -0.42
C ASN A 9 -3.39 -1.68 -0.93
N GLY A 10 -2.27 -1.16 -1.46
CA GLY A 10 -1.11 -1.98 -1.94
C GLY A 10 -0.59 -3.03 -0.93
N HIS A 11 -0.27 -2.59 0.29
CA HIS A 11 0.19 -3.47 1.39
C HIS A 11 -0.93 -4.42 1.91
N ASN A 12 -2.20 -3.95 1.97
CA ASN A 12 -3.36 -4.79 2.40
C ASN A 12 -3.61 -6.07 1.52
N SER A 13 -3.26 -6.05 0.21
CA SER A 13 -3.40 -7.20 -0.70
C SER A 13 -2.07 -7.90 -1.07
N SER A 14 -0.97 -7.18 -1.36
CA SER A 14 0.35 -7.81 -1.67
C SER A 14 0.98 -8.54 -0.46
N SER A 15 1.02 -7.90 0.72
CA SER A 15 1.55 -8.55 1.95
C SER A 15 0.61 -9.70 2.48
N SER A 16 -0.66 -9.83 1.99
CA SER A 16 -1.59 -10.89 2.38
C SER A 16 -1.55 -12.02 1.31
N LEU A 17 -0.83 -13.12 1.64
CA LEU A 17 -0.68 -14.29 0.74
C LEU A 17 -1.91 -15.22 0.80
N ASN A 1 -3.37 9.89 2.08
CA ASN A 1 -3.72 10.94 1.08
C ASN A 1 -4.17 10.34 -0.29
N VAL A 2 -4.93 11.15 -1.05
CA VAL A 2 -5.46 10.76 -2.38
C VAL A 2 -4.42 10.96 -3.53
N HIS A 3 -3.94 12.19 -3.75
CA HIS A 3 -2.95 12.52 -4.81
C HIS A 3 -1.57 11.82 -4.67
N THR A 4 -0.99 11.87 -3.46
CA THR A 4 0.29 11.23 -3.12
C THR A 4 0.11 9.72 -2.78
N PHE A 5 -0.53 9.42 -1.63
CA PHE A 5 -0.79 8.05 -1.11
C PHE A 5 0.49 7.37 -0.55
N ARG A 6 0.31 6.73 0.62
CA ARG A 6 1.37 5.99 1.34
C ARG A 6 1.45 4.53 0.81
N GLY A 7 0.47 3.73 1.24
CA GLY A 7 0.31 2.32 0.84
C GLY A 7 -0.74 1.57 1.66
N ILE A 8 -1.98 2.07 1.65
CA ILE A 8 -3.15 1.46 2.35
C ILE A 8 -3.55 0.15 1.60
N ASN A 9 -3.91 0.31 0.32
CA ASN A 9 -4.28 -0.80 -0.59
C ASN A 9 -3.10 -1.73 -1.00
N GLY A 10 -1.93 -1.13 -1.35
CA GLY A 10 -0.69 -1.88 -1.71
C GLY A 10 -0.26 -2.95 -0.70
N HIS A 11 -0.13 -2.57 0.59
CA HIS A 11 0.22 -3.49 1.69
C HIS A 11 -0.92 -4.49 2.00
N ASN A 12 -2.21 -4.07 1.95
CA ASN A 12 -3.37 -4.97 2.19
C ASN A 12 -3.42 -6.21 1.22
N SER A 13 -2.98 -6.03 -0.04
CA SER A 13 -2.91 -7.07 -1.08
C SER A 13 -1.58 -7.85 -1.15
N SER A 14 -0.43 -7.15 -1.24
CA SER A 14 0.90 -7.81 -1.31
C SER A 14 1.28 -8.57 -0.02
N SER A 15 1.09 -7.96 1.16
CA SER A 15 1.36 -8.66 2.44
C SER A 15 0.32 -9.82 2.73
N SER A 16 -0.85 -9.87 2.03
CA SER A 16 -1.85 -10.94 2.18
C SER A 16 -1.64 -12.03 1.09
N LEU A 17 -1.01 -13.15 1.48
CA LEU A 17 -0.72 -14.28 0.56
C LEU A 17 -1.97 -15.14 0.23
N ASN A 1 -3.26 10.45 2.45
CA ASN A 1 -3.64 11.45 1.41
C ASN A 1 -4.15 10.79 0.09
N VAL A 2 -4.93 11.55 -0.68
CA VAL A 2 -5.52 11.11 -1.98
C VAL A 2 -4.52 11.25 -3.17
N HIS A 3 -4.03 12.48 -3.45
CA HIS A 3 -3.09 12.75 -4.56
C HIS A 3 -1.71 12.03 -4.47
N THR A 4 -1.08 12.09 -3.28
CA THR A 4 0.20 11.44 -2.97
C THR A 4 0.00 9.95 -2.59
N PHE A 5 -0.58 9.68 -1.40
CA PHE A 5 -0.85 8.33 -0.85
C PHE A 5 0.45 7.61 -0.36
N ARG A 6 0.31 6.94 0.79
CA ARG A 6 1.38 6.17 1.44
C ARG A 6 1.44 4.73 0.85
N GLY A 7 0.50 3.89 1.32
CA GLY A 7 0.37 2.49 0.84
C GLY A 7 -0.60 1.64 1.67
N ILE A 8 -1.87 2.10 1.76
CA ILE A 8 -2.97 1.40 2.46
C ILE A 8 -3.40 0.14 1.64
N ASN A 9 -3.83 0.39 0.39
CA ASN A 9 -4.24 -0.65 -0.59
C ASN A 9 -3.10 -1.61 -1.02
N GLY A 10 -1.91 -1.07 -1.33
CA GLY A 10 -0.70 -1.87 -1.70
C GLY A 10 -0.32 -2.96 -0.68
N HIS A 11 -0.21 -2.58 0.60
CA HIS A 11 0.08 -3.53 1.71
C HIS A 11 -1.08 -4.54 1.98
N ASN A 12 -2.36 -4.11 1.85
CA ASN A 12 -3.54 -4.99 2.02
C ASN A 12 -3.59 -6.23 1.06
N SER A 13 -3.06 -6.11 -0.18
CA SER A 13 -2.99 -7.20 -1.18
C SER A 13 -1.59 -7.86 -1.31
N SER A 14 -0.48 -7.11 -1.36
CA SER A 14 0.89 -7.71 -1.45
C SER A 14 1.30 -8.48 -0.19
N SER A 15 1.13 -7.89 1.02
CA SER A 15 1.43 -8.59 2.29
C SER A 15 0.42 -9.77 2.60
N SER A 16 -0.73 -9.87 1.88
CA SER A 16 -1.72 -10.95 2.06
C SER A 16 -1.38 -12.14 1.13
N LEU A 17 -1.09 -13.31 1.73
CA LEU A 17 -0.74 -14.54 1.00
C LEU A 17 -1.99 -15.24 0.39
N ASN A 1 -2.85 10.63 1.80
CA ASN A 1 -3.07 11.58 0.67
C ASN A 1 -3.48 10.87 -0.65
N VAL A 2 -4.15 11.62 -1.54
CA VAL A 2 -4.62 11.12 -2.86
C VAL A 2 -3.51 11.13 -3.94
N HIS A 3 -2.92 12.30 -4.26
CA HIS A 3 -1.85 12.46 -5.28
C HIS A 3 -0.54 11.68 -5.00
N THR A 4 -0.04 11.78 -3.76
CA THR A 4 1.17 11.08 -3.29
C THR A 4 0.85 9.63 -2.83
N PHE A 5 0.14 9.48 -1.70
CA PHE A 5 -0.26 8.17 -1.10
C PHE A 5 0.94 7.43 -0.44
N ARG A 6 0.65 6.84 0.73
CA ARG A 6 1.62 6.07 1.54
C ARG A 6 1.65 4.59 1.07
N GLY A 7 0.59 3.85 1.41
CA GLY A 7 0.42 2.44 1.00
C GLY A 7 -0.66 1.68 1.78
N ILE A 8 -1.90 2.20 1.73
CA ILE A 8 -3.10 1.59 2.37
C ILE A 8 -3.51 0.32 1.56
N ASN A 9 -3.83 0.53 0.28
CA ASN A 9 -4.20 -0.53 -0.69
C ASN A 9 -3.07 -1.53 -1.04
N GLY A 10 -1.85 -1.00 -1.32
CA GLY A 10 -0.65 -1.82 -1.62
C GLY A 10 -0.34 -2.92 -0.58
N HIS A 11 -0.27 -2.57 0.71
CA HIS A 11 -0.04 -3.52 1.81
C HIS A 11 -1.27 -4.47 2.04
N ASN A 12 -2.52 -3.98 1.87
CA ASN A 12 -3.75 -4.80 2.00
C ASN A 12 -3.84 -6.05 1.05
N SER A 13 -3.20 -6.02 -0.14
CA SER A 13 -3.17 -7.13 -1.10
C SER A 13 -1.76 -7.75 -1.34
N SER A 14 -0.65 -6.98 -1.38
CA SER A 14 0.71 -7.55 -1.57
C SER A 14 1.20 -8.37 -0.36
N SER A 15 1.03 -7.88 0.88
CA SER A 15 1.41 -8.64 2.09
C SER A 15 0.50 -9.89 2.37
N SER A 16 -0.63 -10.08 1.64
CA SER A 16 -1.56 -11.23 1.82
C SER A 16 -1.02 -12.50 1.11
N LEU A 17 -0.88 -13.60 1.89
CA LEU A 17 -0.38 -14.90 1.39
C LEU A 17 -1.47 -15.66 0.58
N ASN A 1 1.26 12.45 -0.68
CA ASN A 1 2.19 12.79 -1.79
C ASN A 1 2.29 11.65 -2.85
N VAL A 2 2.69 12.04 -4.07
CA VAL A 2 2.86 11.12 -5.23
C VAL A 2 4.21 10.35 -5.23
N HIS A 3 5.36 11.05 -5.13
CA HIS A 3 6.71 10.44 -5.12
C HIS A 3 7.02 9.50 -3.92
N THR A 4 6.76 9.96 -2.70
CA THR A 4 6.94 9.20 -1.45
C THR A 4 5.80 8.15 -1.25
N PHE A 5 4.57 8.64 -0.99
CA PHE A 5 3.34 7.82 -0.80
C PHE A 5 3.33 6.84 0.42
N ARG A 6 2.14 6.59 0.98
CA ARG A 6 1.92 5.67 2.11
C ARG A 6 1.81 4.21 1.61
N GLY A 7 0.66 3.89 1.00
CA GLY A 7 0.37 2.55 0.45
C GLY A 7 -0.61 1.74 1.30
N ILE A 8 -1.85 2.24 1.41
CA ILE A 8 -2.97 1.59 2.15
C ILE A 8 -3.45 0.34 1.36
N ASN A 9 -3.91 0.57 0.11
CA ASN A 9 -4.38 -0.47 -0.83
C ASN A 9 -3.30 -1.51 -1.24
N GLY A 10 -2.09 -1.02 -1.59
CA GLY A 10 -0.93 -1.89 -1.95
C GLY A 10 -0.57 -2.96 -0.89
N HIS A 11 -0.43 -2.54 0.38
CA HIS A 11 -0.16 -3.45 1.52
C HIS A 11 -1.34 -4.41 1.82
N ASN A 12 -2.61 -3.94 1.68
CA ASN A 12 -3.83 -4.77 1.90
C ASN A 12 -3.93 -6.07 1.02
N SER A 13 -3.31 -6.10 -0.18
CA SER A 13 -3.29 -7.28 -1.09
C SER A 13 -1.88 -7.87 -1.36
N SER A 14 -0.80 -7.07 -1.50
CA SER A 14 0.57 -7.60 -1.72
C SER A 14 1.16 -8.34 -0.49
N SER A 15 1.03 -7.77 0.72
CA SER A 15 1.50 -8.43 1.96
C SER A 15 0.63 -9.69 2.37
N SER A 16 -0.53 -9.95 1.70
CA SER A 16 -1.41 -11.10 2.01
C SER A 16 -0.88 -12.41 1.37
N LEU A 17 -0.67 -13.44 2.22
CA LEU A 17 -0.16 -14.77 1.78
C LEU A 17 -1.27 -15.62 1.09
N ASN A 1 7.38 7.83 -3.79
CA ASN A 1 6.26 7.24 -3.01
C ASN A 1 6.49 6.83 -1.51
N VAL A 2 7.70 7.07 -1.02
CA VAL A 2 8.13 6.82 0.38
C VAL A 2 7.70 7.99 1.32
N HIS A 3 8.16 9.21 1.04
CA HIS A 3 7.81 10.44 1.80
C HIS A 3 6.32 10.86 1.77
N THR A 4 5.71 10.83 0.57
CA THR A 4 4.31 11.19 0.33
C THR A 4 3.32 10.11 0.86
N PHE A 5 3.30 8.93 0.21
CA PHE A 5 2.43 7.80 0.59
C PHE A 5 3.03 6.95 1.74
N ARG A 6 2.13 6.44 2.60
CA ARG A 6 2.46 5.58 3.75
C ARG A 6 2.61 4.10 3.27
N GLY A 7 1.47 3.48 2.96
CA GLY A 7 1.42 2.09 2.44
C GLY A 7 0.03 1.44 2.54
N ILE A 8 -0.97 2.08 1.92
CA ILE A 8 -2.38 1.60 1.85
C ILE A 8 -2.44 0.38 0.86
N ASN A 9 -2.07 0.65 -0.40
CA ASN A 9 -2.00 -0.35 -1.49
C ASN A 9 -0.91 -1.45 -1.31
N GLY A 10 0.31 -1.06 -0.91
CA GLY A 10 1.43 -1.99 -0.64
C GLY A 10 1.10 -3.15 0.33
N HIS A 11 0.55 -2.81 1.52
CA HIS A 11 0.11 -3.80 2.52
C HIS A 11 -1.14 -4.62 2.07
N ASN A 12 -2.09 -4.00 1.34
CA ASN A 12 -3.30 -4.68 0.80
C ASN A 12 -2.99 -5.88 -0.17
N SER A 13 -1.89 -5.84 -0.94
CA SER A 13 -1.47 -6.91 -1.87
C SER A 13 -0.26 -7.75 -1.39
N SER A 14 0.78 -7.18 -0.75
CA SER A 14 1.93 -7.96 -0.24
C SER A 14 1.58 -8.83 0.98
N SER A 15 0.90 -8.26 1.99
CA SER A 15 0.45 -9.03 3.18
C SER A 15 -0.69 -10.08 2.86
N SER A 16 -1.33 -10.03 1.66
CA SER A 16 -2.41 -10.97 1.28
C SER A 16 -1.85 -12.31 0.73
N LEU A 17 -2.25 -13.43 1.35
CA LEU A 17 -1.81 -14.79 0.97
C LEU A 17 -2.54 -15.30 -0.31
N ASN A 1 -4.66 12.93 1.33
CA ASN A 1 -4.54 13.72 0.06
C ASN A 1 -4.98 13.05 -1.29
N VAL A 2 -5.00 11.71 -1.31
CA VAL A 2 -5.41 10.79 -2.43
C VAL A 2 -4.41 10.74 -3.63
N HIS A 3 -3.92 11.93 -3.98
CA HIS A 3 -2.92 12.18 -5.04
C HIS A 3 -1.52 11.58 -4.77
N THR A 4 -0.98 11.83 -3.55
CA THR A 4 0.31 11.32 -3.08
C THR A 4 0.17 9.84 -2.63
N PHE A 5 -0.48 9.61 -1.46
CA PHE A 5 -0.76 8.27 -0.87
C PHE A 5 0.52 7.54 -0.33
N ARG A 6 0.35 6.89 0.82
CA ARG A 6 1.40 6.11 1.51
C ARG A 6 1.48 4.68 0.89
N GLY A 7 0.49 3.85 1.27
CA GLY A 7 0.35 2.47 0.77
C GLY A 7 -0.61 1.62 1.61
N ILE A 8 -1.86 2.07 1.75
CA ILE A 8 -2.95 1.38 2.47
C ILE A 8 -3.40 0.13 1.64
N ASN A 9 -3.84 0.39 0.40
CA ASN A 9 -4.28 -0.63 -0.58
C ASN A 9 -3.15 -1.60 -1.03
N GLY A 10 -1.96 -1.05 -1.37
CA GLY A 10 -0.77 -1.85 -1.77
C GLY A 10 -0.36 -2.94 -0.75
N HIS A 11 -0.24 -2.56 0.54
CA HIS A 11 0.08 -3.50 1.64
C HIS A 11 -1.06 -4.52 1.93
N ASN A 12 -2.34 -4.11 1.81
CA ASN A 12 -3.51 -5.00 2.02
C ASN A 12 -3.56 -6.24 1.04
N SER A 13 -3.02 -6.12 -0.19
CA SER A 13 -2.95 -7.20 -1.20
C SER A 13 -1.57 -7.89 -1.30
N SER A 14 -0.45 -7.13 -1.37
CA SER A 14 0.90 -7.72 -1.45
C SER A 14 1.31 -8.48 -0.17
N SER A 15 1.14 -7.88 1.02
CA SER A 15 1.43 -8.57 2.30
C SER A 15 0.41 -9.75 2.61
N SER A 16 -0.75 -9.85 1.89
CA SER A 16 -1.73 -10.93 2.07
C SER A 16 -1.38 -12.13 1.15
N LEU A 17 -1.09 -13.29 1.76
CA LEU A 17 -0.74 -14.53 1.05
C LEU A 17 -1.98 -15.23 0.44
N ASN A 1 -4.20 10.42 2.65
CA ASN A 1 -5.19 11.34 2.03
C ASN A 1 -5.39 11.05 0.50
N VAL A 2 -6.52 11.50 -0.04
CA VAL A 2 -6.89 11.32 -1.48
C VAL A 2 -5.87 11.96 -2.49
N HIS A 3 -5.38 13.18 -2.21
CA HIS A 3 -4.37 13.87 -3.05
C HIS A 3 -2.95 13.23 -3.07
N THR A 4 -2.45 12.82 -1.89
CA THR A 4 -1.14 12.20 -1.70
C THR A 4 -1.16 10.64 -1.86
N PHE A 5 -1.66 9.93 -0.82
CA PHE A 5 -1.77 8.45 -0.75
C PHE A 5 -0.39 7.76 -0.57
N ARG A 6 -0.23 7.02 0.55
CA ARG A 6 1.00 6.30 0.91
C ARG A 6 1.03 4.91 0.23
N GLY A 7 0.23 3.99 0.79
CA GLY A 7 0.07 2.62 0.28
C GLY A 7 -0.81 1.76 1.18
N ILE A 8 -2.08 2.17 1.35
CA ILE A 8 -3.11 1.46 2.13
C ILE A 8 -3.50 0.12 1.42
N ASN A 9 -3.99 0.28 0.17
CA ASN A 9 -4.39 -0.84 -0.71
C ASN A 9 -3.22 -1.78 -1.15
N GLY A 10 -2.09 -1.19 -1.58
CA GLY A 10 -0.87 -1.95 -1.97
C GLY A 10 -0.38 -2.98 -0.93
N HIS A 11 -0.20 -2.53 0.32
CA HIS A 11 0.21 -3.41 1.45
C HIS A 11 -0.91 -4.40 1.86
N ASN A 12 -2.19 -4.00 1.84
CA ASN A 12 -3.33 -4.91 2.16
C ASN A 12 -3.41 -6.19 1.25
N SER A 13 -3.03 -6.06 -0.03
CA SER A 13 -2.98 -7.14 -1.04
C SER A 13 -1.66 -7.90 -1.13
N SER A 14 -0.51 -7.19 -1.29
CA SER A 14 0.82 -7.84 -1.40
C SER A 14 1.26 -8.55 -0.10
N SER A 15 1.11 -7.89 1.07
CA SER A 15 1.45 -8.53 2.37
C SER A 15 0.43 -9.69 2.74
N SER A 16 -0.77 -9.79 2.09
CA SER A 16 -1.74 -10.86 2.34
C SER A 16 -1.56 -11.98 1.27
N LEU A 17 -0.91 -13.09 1.69
CA LEU A 17 -0.64 -14.25 0.81
C LEU A 17 -1.88 -15.16 0.67
N ASN A 1 10.11 7.55 -1.71
CA ASN A 1 8.73 6.98 -1.86
C ASN A 1 7.95 6.51 -0.58
N VAL A 2 8.63 6.54 0.57
CA VAL A 2 8.09 6.18 1.89
C VAL A 2 7.31 7.38 2.52
N HIS A 3 7.97 8.54 2.68
CA HIS A 3 7.37 9.80 3.22
C HIS A 3 6.18 10.39 2.40
N THR A 4 6.33 10.41 1.07
CA THR A 4 5.31 10.89 0.11
C THR A 4 4.12 9.89 -0.01
N PHE A 5 4.37 8.71 -0.61
CA PHE A 5 3.36 7.65 -0.82
C PHE A 5 3.26 6.71 0.41
N ARG A 6 2.04 6.52 0.91
CA ARG A 6 1.73 5.66 2.07
C ARG A 6 1.63 4.17 1.66
N GLY A 7 0.52 3.85 0.98
CA GLY A 7 0.23 2.47 0.50
C GLY A 7 -0.82 1.75 1.35
N ILE A 8 -2.06 2.27 1.34
CA ILE A 8 -3.22 1.68 2.05
C ILE A 8 -3.66 0.35 1.34
N ASN A 9 -4.02 0.49 0.05
CA ASN A 9 -4.43 -0.64 -0.83
C ASN A 9 -3.31 -1.67 -1.13
N GLY A 10 -2.10 -1.20 -1.48
CA GLY A 10 -0.93 -2.10 -1.74
C GLY A 10 -0.62 -3.00 -0.56
N HIS A 11 -0.33 -2.47 0.65
CA HIS A 11 -0.08 -3.29 1.87
C HIS A 11 -1.22 -4.28 2.16
N ASN A 12 -2.50 -3.96 1.84
CA ASN A 12 -3.59 -4.95 2.04
C ASN A 12 -3.41 -6.15 1.02
N SER A 13 -2.93 -5.84 -0.21
CA SER A 13 -2.56 -6.81 -1.30
C SER A 13 -1.37 -7.77 -0.85
N SER A 14 -0.67 -7.24 0.17
CA SER A 14 0.50 -7.62 0.98
C SER A 14 1.74 -7.01 0.31
N SER A 15 1.52 -5.72 -0.02
CA SER A 15 2.43 -4.84 -0.72
C SER A 15 2.64 -5.49 -2.15
N SER A 16 1.50 -6.08 -2.69
CA SER A 16 1.47 -6.76 -3.99
C SER A 16 1.01 -5.78 -5.10
N LEU A 17 1.93 -5.43 -6.01
CA LEU A 17 1.66 -4.50 -7.13
C LEU A 17 0.86 -5.18 -8.28
N ASN A 1 -3.85 10.97 2.65
CA ASN A 1 -4.96 11.79 2.12
C ASN A 1 -5.39 11.35 0.68
N VAL A 2 -6.62 11.72 0.27
CA VAL A 2 -7.19 11.39 -1.07
C VAL A 2 -6.33 11.88 -2.27
N HIS A 3 -5.79 13.11 -2.21
CA HIS A 3 -4.92 13.69 -3.27
C HIS A 3 -3.51 13.02 -3.39
N THR A 4 -2.86 12.76 -2.24
CA THR A 4 -1.53 12.15 -2.14
C THR A 4 -1.56 10.59 -2.11
N PHE A 5 -1.90 10.01 -0.94
CA PHE A 5 -1.99 8.55 -0.68
C PHE A 5 -0.59 7.87 -0.61
N ARG A 6 -0.28 7.22 0.52
CA ARG A 6 1.00 6.53 0.77
C ARG A 6 1.04 5.14 0.09
N GLY A 7 0.22 4.21 0.61
CA GLY A 7 0.08 2.85 0.07
C GLY A 7 -0.70 1.92 1.01
N ILE A 8 -1.97 2.29 1.30
CA ILE A 8 -2.91 1.51 2.15
C ILE A 8 -3.30 0.20 1.41
N ASN A 9 -3.93 0.36 0.24
CA ASN A 9 -4.37 -0.75 -0.66
C ASN A 9 -3.25 -1.72 -1.10
N GLY A 10 -2.08 -1.16 -1.50
CA GLY A 10 -0.88 -1.95 -1.90
C GLY A 10 -0.43 -2.99 -0.86
N HIS A 11 -0.28 -2.57 0.41
CA HIS A 11 0.09 -3.45 1.53
C HIS A 11 -1.05 -4.44 1.91
N ASN A 12 -2.34 -4.02 1.85
CA ASN A 12 -3.49 -4.93 2.13
C ASN A 12 -3.56 -6.21 1.22
N SER A 13 -3.07 -6.11 -0.04
CA SER A 13 -3.01 -7.19 -1.03
C SER A 13 -1.66 -7.94 -1.10
N SER A 14 -0.53 -7.21 -1.25
CA SER A 14 0.81 -7.84 -1.33
C SER A 14 1.24 -8.56 -0.03
N SER A 15 1.05 -7.92 1.14
CA SER A 15 1.36 -8.56 2.44
C SER A 15 0.38 -9.76 2.76
N SER A 16 -0.79 -9.90 2.08
CA SER A 16 -1.74 -11.01 2.29
C SER A 16 -1.48 -12.10 1.21
N LEU A 17 -0.81 -13.19 1.62
CA LEU A 17 -0.47 -14.32 0.73
C LEU A 17 -1.68 -15.28 0.54
N ASN A 1 8.17 6.16 -2.76
CA ASN A 1 8.89 6.51 -1.51
C ASN A 1 7.99 6.38 -0.24
N VAL A 2 8.64 6.19 0.92
CA VAL A 2 7.97 6.05 2.25
C VAL A 2 7.26 7.34 2.75
N HIS A 3 7.96 8.50 2.74
CA HIS A 3 7.42 9.80 3.20
C HIS A 3 6.21 10.36 2.40
N THR A 4 6.30 10.32 1.06
CA THR A 4 5.26 10.79 0.13
C THR A 4 4.11 9.76 -0.03
N PHE A 5 4.41 8.61 -0.68
CA PHE A 5 3.45 7.52 -0.92
C PHE A 5 3.23 6.65 0.35
N ARG A 6 1.96 6.49 0.75
CA ARG A 6 1.56 5.70 1.94
C ARG A 6 1.43 4.18 1.59
N GLY A 7 0.38 3.86 0.83
CA GLY A 7 0.08 2.49 0.39
C GLY A 7 -0.94 1.78 1.30
N ILE A 8 -2.18 2.29 1.32
CA ILE A 8 -3.30 1.72 2.09
C ILE A 8 -3.75 0.36 1.44
N ASN A 9 -4.18 0.46 0.17
CA ASN A 9 -4.59 -0.70 -0.67
C ASN A 9 -3.44 -1.62 -1.12
N GLY A 10 -2.32 -1.03 -1.59
CA GLY A 10 -1.10 -1.78 -2.01
C GLY A 10 -0.56 -2.80 -0.99
N HIS A 11 -0.33 -2.36 0.26
CA HIS A 11 0.12 -3.23 1.37
C HIS A 11 -0.97 -4.25 1.80
N ASN A 12 -2.27 -3.87 1.80
CA ASN A 12 -3.39 -4.78 2.16
C ASN A 12 -3.50 -6.07 1.27
N SER A 13 -3.10 -6.01 -0.03
CA SER A 13 -3.10 -7.16 -0.95
C SER A 13 -1.71 -7.77 -1.24
N SER A 14 -0.63 -6.98 -1.45
CA SER A 14 0.73 -7.53 -1.69
C SER A 14 1.34 -8.23 -0.45
N SER A 15 1.30 -7.60 0.73
CA SER A 15 1.80 -8.26 1.97
C SER A 15 0.88 -9.44 2.46
N SER A 16 -0.36 -9.61 1.91
CA SER A 16 -1.28 -10.70 2.25
C SER A 16 -1.01 -11.94 1.34
N LEU A 17 -0.63 -13.06 1.97
CA LEU A 17 -0.33 -14.34 1.27
C LEU A 17 -1.59 -15.06 0.72
N ASN A 1 -2.82 12.05 2.49
CA ASN A 1 -3.61 12.40 1.29
C ASN A 1 -4.25 11.15 0.61
N VAL A 2 -5.34 11.41 -0.14
CA VAL A 2 -6.12 10.38 -0.88
C VAL A 2 -5.48 9.96 -2.24
N HIS A 3 -5.18 10.92 -3.13
CA HIS A 3 -4.59 10.66 -4.46
C HIS A 3 -3.16 10.03 -4.46
N THR A 4 -2.24 10.61 -3.68
CA THR A 4 -0.86 10.13 -3.52
C THR A 4 -0.79 8.90 -2.58
N PHE A 5 -1.07 9.11 -1.27
CA PHE A 5 -1.12 8.05 -0.21
C PHE A 5 0.23 7.31 0.08
N ARG A 6 0.35 6.75 1.30
CA ARG A 6 1.54 5.98 1.75
C ARG A 6 1.56 4.57 1.11
N GLY A 7 0.68 3.70 1.64
CA GLY A 7 0.52 2.32 1.13
C GLY A 7 -0.54 1.49 1.88
N ILE A 8 -1.77 2.01 1.94
CA ILE A 8 -2.94 1.34 2.56
C ILE A 8 -3.39 0.14 1.66
N ASN A 9 -3.73 0.46 0.40
CA ASN A 9 -4.14 -0.51 -0.65
C ASN A 9 -3.05 -1.52 -1.07
N GLY A 10 -1.81 -1.03 -1.30
CA GLY A 10 -0.64 -1.88 -1.65
C GLY A 10 -0.36 -3.03 -0.67
N HIS A 11 -0.30 -2.74 0.64
CA HIS A 11 -0.10 -3.74 1.70
C HIS A 11 -1.35 -4.68 1.86
N ASN A 12 -2.58 -4.16 1.70
CA ASN A 12 -3.84 -4.97 1.78
C ASN A 12 -3.89 -6.20 0.82
N SER A 13 -3.25 -6.15 -0.37
CA SER A 13 -3.18 -7.26 -1.33
C SER A 13 -1.77 -7.85 -1.57
N SER A 14 -0.68 -7.04 -1.60
CA SER A 14 0.70 -7.56 -1.78
C SER A 14 1.24 -8.31 -0.55
N SER A 15 1.14 -7.72 0.66
CA SER A 15 1.58 -8.39 1.91
C SER A 15 0.63 -9.57 2.34
N SER A 16 -0.56 -9.77 1.70
CA SER A 16 -1.51 -10.85 2.05
C SER A 16 -1.11 -12.20 1.38
N LEU A 17 -0.93 -13.25 2.20
CA LEU A 17 -0.55 -14.61 1.73
C LEU A 17 -1.71 -15.36 0.99
N ASN A 1 -0.32 5.04 -5.45
CA ASN A 1 0.79 5.98 -5.78
C ASN A 1 1.87 6.07 -4.64
N VAL A 2 3.05 6.59 -5.00
CA VAL A 2 4.20 6.76 -4.08
C VAL A 2 4.28 8.21 -3.49
N HIS A 3 4.35 9.24 -4.36
CA HIS A 3 4.44 10.66 -3.94
C HIS A 3 3.22 11.21 -3.14
N THR A 4 2.00 10.95 -3.64
CA THR A 4 0.73 11.33 -3.02
C THR A 4 0.30 10.32 -1.91
N PHE A 5 -0.07 9.09 -2.32
CA PHE A 5 -0.49 8.00 -1.41
C PHE A 5 0.69 7.35 -0.65
N ARG A 6 0.38 6.85 0.56
CA ARG A 6 1.34 6.15 1.44
C ARG A 6 1.45 4.65 1.01
N GLY A 7 0.41 3.87 1.34
CA GLY A 7 0.32 2.45 0.98
C GLY A 7 -0.71 1.65 1.80
N ILE A 8 -1.97 2.09 1.77
CA ILE A 8 -3.10 1.43 2.46
C ILE A 8 -3.48 0.13 1.67
N ASN A 9 -3.86 0.32 0.39
CA ASN A 9 -4.21 -0.76 -0.56
C ASN A 9 -3.03 -1.67 -0.97
N GLY A 10 -1.86 -1.07 -1.29
CA GLY A 10 -0.62 -1.79 -1.66
C GLY A 10 -0.19 -2.90 -0.66
N HIS A 11 -0.08 -2.53 0.63
CA HIS A 11 0.26 -3.48 1.71
C HIS A 11 -0.88 -4.48 2.02
N ASN A 12 -2.16 -4.07 1.94
CA ASN A 12 -3.32 -4.98 2.16
C ASN A 12 -3.36 -6.20 1.16
N SER A 13 -2.92 -5.98 -0.10
CA SER A 13 -2.83 -7.00 -1.17
C SER A 13 -1.50 -7.78 -1.22
N SER A 14 -0.36 -7.08 -1.29
CA SER A 14 0.98 -7.74 -1.36
C SER A 14 1.33 -8.52 -0.07
N SER A 15 1.12 -7.93 1.12
CA SER A 15 1.35 -8.63 2.40
C SER A 15 0.32 -9.80 2.64
N SER A 16 -0.84 -9.87 1.91
CA SER A 16 -1.83 -10.95 2.03
C SER A 16 -1.48 -12.10 1.06
N LEU A 17 -1.20 -13.29 1.63
CA LEU A 17 -0.84 -14.50 0.85
C LEU A 17 -2.10 -15.16 0.22
N ASN A 1 -1.57 9.07 -5.30
CA ASN A 1 -0.26 9.74 -5.51
C ASN A 1 0.81 9.31 -4.47
N VAL A 2 2.09 9.47 -4.85
CA VAL A 2 3.27 9.11 -4.01
C VAL A 2 3.44 10.02 -2.74
N HIS A 3 3.44 11.35 -2.92
CA HIS A 3 3.60 12.34 -1.82
C HIS A 3 2.50 12.32 -0.71
N THR A 4 1.23 12.28 -1.12
CA THR A 4 0.06 12.26 -0.23
C THR A 4 -0.20 10.83 0.35
N PHE A 5 -0.62 9.89 -0.52
CA PHE A 5 -0.93 8.50 -0.14
C PHE A 5 0.38 7.66 0.05
N ARG A 6 0.44 6.92 1.16
CA ARG A 6 1.58 6.06 1.52
C ARG A 6 1.54 4.70 0.77
N GLY A 7 0.65 3.82 1.25
CA GLY A 7 0.42 2.50 0.65
C GLY A 7 -0.56 1.64 1.47
N ILE A 8 -1.80 2.14 1.59
CA ILE A 8 -2.92 1.47 2.30
C ILE A 8 -3.38 0.22 1.49
N ASN A 9 -3.80 0.47 0.25
CA ASN A 9 -4.25 -0.57 -0.73
C ASN A 9 -3.15 -1.59 -1.13
N GLY A 10 -1.94 -1.09 -1.45
CA GLY A 10 -0.77 -1.94 -1.80
C GLY A 10 -0.43 -3.02 -0.75
N HIS A 11 -0.31 -2.62 0.53
CA HIS A 11 -0.06 -3.55 1.66
C HIS A 11 -1.25 -4.51 1.93
N ASN A 12 -2.51 -4.05 1.78
CA ASN A 12 -3.72 -4.90 1.95
C ASN A 12 -3.80 -6.19 1.05
N SER A 13 -3.21 -6.16 -0.17
CA SER A 13 -3.16 -7.31 -1.10
C SER A 13 -1.75 -7.93 -1.29
N SER A 14 -0.64 -7.17 -1.33
CA SER A 14 0.72 -7.75 -1.48
C SER A 14 1.21 -8.49 -0.21
N SER A 15 1.08 -7.89 0.98
CA SER A 15 1.46 -8.55 2.25
C SER A 15 0.49 -9.72 2.66
N SER A 16 -0.69 -9.90 1.99
CA SER A 16 -1.64 -10.98 2.31
C SER A 16 -1.26 -12.32 1.63
N LEU A 17 -1.10 -13.39 2.44
CA LEU A 17 -0.72 -14.73 1.96
C LEU A 17 -1.88 -15.47 1.21
N ASN A 1 2.35 7.40 -5.17
CA ASN A 1 3.83 7.27 -4.90
C ASN A 1 4.77 8.52 -4.87
N VAL A 2 4.16 9.69 -4.76
CA VAL A 2 4.82 11.01 -4.66
C VAL A 2 4.05 11.80 -3.56
N HIS A 3 2.86 12.35 -3.90
CA HIS A 3 1.99 13.09 -2.95
C HIS A 3 1.42 12.20 -1.80
N THR A 4 0.93 11.00 -2.16
CA THR A 4 0.39 10.00 -1.24
C THR A 4 1.55 9.24 -0.52
N PHE A 5 2.25 8.34 -1.23
CA PHE A 5 3.44 7.56 -0.71
C PHE A 5 3.30 6.69 0.59
N ARG A 6 2.06 6.35 0.90
CA ARG A 6 1.67 5.54 2.08
C ARG A 6 1.56 4.04 1.68
N GLY A 7 0.49 3.74 0.94
CA GLY A 7 0.17 2.38 0.45
C GLY A 7 -0.86 1.68 1.33
N ILE A 8 -2.10 2.20 1.35
CA ILE A 8 -3.24 1.62 2.11
C ILE A 8 -3.67 0.28 1.42
N ASN A 9 -4.09 0.39 0.16
CA ASN A 9 -4.50 -0.73 -0.71
C ASN A 9 -3.34 -1.66 -1.17
N GLY A 10 -2.22 -1.05 -1.61
CA GLY A 10 -0.99 -1.78 -2.04
C GLY A 10 -0.47 -2.84 -1.04
N HIS A 11 -0.26 -2.43 0.22
CA HIS A 11 0.19 -3.33 1.31
C HIS A 11 -0.92 -4.34 1.72
N ASN A 12 -2.22 -3.93 1.75
CA ASN A 12 -3.34 -4.84 2.08
C ASN A 12 -3.48 -6.10 1.14
N SER A 13 -3.01 -6.00 -0.12
CA SER A 13 -3.01 -7.07 -1.14
C SER A 13 -1.65 -7.78 -1.37
N SER A 14 -0.55 -7.03 -1.51
CA SER A 14 0.80 -7.63 -1.71
C SER A 14 1.31 -8.37 -0.46
N SER A 15 1.21 -7.76 0.73
CA SER A 15 1.61 -8.43 1.99
C SER A 15 0.64 -9.61 2.40
N SER A 16 -0.57 -9.75 1.78
CA SER A 16 -1.53 -10.83 2.11
C SER A 16 -1.17 -12.17 1.40
N LEU A 17 -1.02 -13.24 2.20
CA LEU A 17 -0.69 -14.60 1.69
C LEU A 17 -1.86 -15.29 0.95
N ASN A 1 1.41 9.36 -6.03
CA ASN A 1 2.71 9.98 -5.67
C ASN A 1 3.25 9.48 -4.29
N VAL A 2 4.57 9.59 -4.12
CA VAL A 2 5.29 9.17 -2.88
C VAL A 2 4.97 10.05 -1.62
N HIS A 3 5.06 11.39 -1.74
CA HIS A 3 4.79 12.35 -0.65
C HIS A 3 3.35 12.35 -0.08
N THR A 4 2.34 12.35 -0.97
CA THR A 4 0.91 12.35 -0.63
C THR A 4 0.41 10.92 -0.25
N PHE A 5 0.36 10.02 -1.24
CA PHE A 5 -0.09 8.61 -1.06
C PHE A 5 1.01 7.74 -0.43
N ARG A 6 0.66 7.05 0.67
CA ARG A 6 1.57 6.16 1.42
C ARG A 6 1.57 4.73 0.81
N GLY A 7 0.51 3.97 1.12
CA GLY A 7 0.31 2.61 0.60
C GLY A 7 -0.69 1.80 1.43
N ILE A 8 -1.96 2.27 1.46
CA ILE A 8 -3.08 1.63 2.17
C ILE A 8 -3.48 0.32 1.41
N ASN A 9 -3.87 0.48 0.14
CA ASN A 9 -4.25 -0.61 -0.78
C ASN A 9 -3.11 -1.61 -1.13
N GLY A 10 -1.91 -1.09 -1.44
CA GLY A 10 -0.71 -1.92 -1.74
C GLY A 10 -0.35 -2.96 -0.67
N HIS A 11 -0.26 -2.53 0.61
CA HIS A 11 0.01 -3.43 1.75
C HIS A 11 -1.19 -4.37 2.05
N ASN A 12 -2.46 -3.91 1.90
CA ASN A 12 -3.67 -4.76 2.10
C ASN A 12 -3.74 -6.05 1.23
N SER A 13 -3.19 -6.05 -0.01
CA SER A 13 -3.15 -7.23 -0.91
C SER A 13 -1.74 -7.83 -1.15
N SER A 14 -0.63 -7.06 -1.18
CA SER A 14 0.74 -7.63 -1.37
C SER A 14 1.22 -8.45 -0.15
N SER A 15 1.07 -7.93 1.08
CA SER A 15 1.45 -8.70 2.29
C SER A 15 0.63 -10.02 2.52
N SER A 16 -0.60 -10.08 1.93
CA SER A 16 -1.51 -11.23 2.03
C SER A 16 -1.11 -12.38 1.06
N LEU A 17 -0.92 -13.60 1.60
CA LEU A 17 -0.55 -14.80 0.81
C LEU A 17 -1.69 -15.36 -0.08
N ASN A 1 6.78 6.24 -3.04
CA ASN A 1 7.84 6.22 -2.00
C ASN A 1 7.27 6.20 -0.55
N VAL A 2 8.11 5.79 0.42
CA VAL A 2 7.74 5.69 1.86
C VAL A 2 7.42 7.07 2.53
N HIS A 3 8.29 8.08 2.35
CA HIS A 3 8.12 9.44 2.92
C HIS A 3 6.90 10.25 2.40
N THR A 4 6.69 10.24 1.08
CA THR A 4 5.59 10.94 0.41
C THR A 4 4.27 10.12 0.45
N PHE A 5 4.21 9.01 -0.30
CA PHE A 5 3.04 8.11 -0.38
C PHE A 5 2.91 7.18 0.87
N ARG A 6 1.64 6.87 1.20
CA ARG A 6 1.25 5.98 2.31
C ARG A 6 1.29 4.50 1.84
N GLY A 7 0.28 4.12 1.04
CA GLY A 7 0.13 2.76 0.49
C GLY A 7 -0.85 1.88 1.29
N ILE A 8 -2.13 2.28 1.31
CA ILE A 8 -3.24 1.54 1.99
C ILE A 8 -3.56 0.24 1.18
N ASN A 9 -3.95 0.43 -0.09
CA ASN A 9 -4.26 -0.65 -1.04
C ASN A 9 -3.07 -1.59 -1.38
N GLY A 10 -1.89 -1.01 -1.65
CA GLY A 10 -0.63 -1.78 -1.94
C GLY A 10 -0.27 -2.82 -0.85
N HIS A 11 -0.24 -2.39 0.42
CA HIS A 11 0.03 -3.27 1.59
C HIS A 11 -1.10 -4.30 1.84
N ASN A 12 -2.38 -3.94 1.62
CA ASN A 12 -3.54 -4.86 1.77
C ASN A 12 -3.49 -6.14 0.87
N SER A 13 -2.90 -6.05 -0.35
CA SER A 13 -2.74 -7.18 -1.29
C SER A 13 -1.32 -7.79 -1.34
N SER A 14 -0.22 -7.00 -1.36
CA SER A 14 1.15 -7.54 -1.35
C SER A 14 1.54 -8.25 -0.03
N SER A 15 1.28 -7.62 1.13
CA SER A 15 1.54 -8.24 2.45
C SER A 15 0.56 -9.45 2.76
N SER A 16 -0.55 -9.63 1.99
CA SER A 16 -1.51 -10.74 2.16
C SER A 16 -1.07 -11.95 1.31
N LEU A 17 -0.77 -13.08 1.97
CA LEU A 17 -0.33 -14.34 1.31
C LEU A 17 -1.53 -15.10 0.68
N ASN A 1 8.50 6.57 -2.70
CA ASN A 1 9.13 6.71 -1.36
C ASN A 1 8.09 6.53 -0.20
N VAL A 2 8.61 6.19 0.99
CA VAL A 2 7.81 6.00 2.24
C VAL A 2 7.09 7.30 2.73
N HIS A 3 7.82 8.43 2.80
CA HIS A 3 7.28 9.75 3.24
C HIS A 3 6.13 10.34 2.38
N THR A 4 6.30 10.30 1.05
CA THR A 4 5.32 10.76 0.05
C THR A 4 4.16 9.73 -0.12
N PHE A 5 4.46 8.57 -0.72
CA PHE A 5 3.49 7.49 -0.97
C PHE A 5 3.29 6.61 0.30
N ARG A 6 2.03 6.47 0.73
CA ARG A 6 1.64 5.68 1.92
C ARG A 6 1.51 4.17 1.56
N GLY A 7 0.43 3.86 0.83
CA GLY A 7 0.11 2.48 0.39
C GLY A 7 -0.91 1.79 1.32
N ILE A 8 -2.14 2.31 1.35
CA ILE A 8 -3.25 1.74 2.15
C ILE A 8 -3.73 0.40 1.49
N ASN A 9 -4.18 0.51 0.24
CA ASN A 9 -4.63 -0.64 -0.59
C ASN A 9 -3.49 -1.58 -1.08
N GLY A 10 -2.37 -0.99 -1.57
CA GLY A 10 -1.18 -1.75 -2.02
C GLY A 10 -0.63 -2.78 -1.02
N HIS A 11 -0.37 -2.35 0.23
CA HIS A 11 0.10 -3.23 1.31
C HIS A 11 -0.99 -4.25 1.77
N ASN A 12 -2.29 -3.85 1.80
CA ASN A 12 -3.42 -4.75 2.16
C ASN A 12 -3.56 -6.04 1.27
N SER A 13 -3.19 -5.99 -0.02
CA SER A 13 -3.22 -7.14 -0.95
C SER A 13 -1.85 -7.72 -1.34
N SER A 14 -0.77 -6.92 -1.52
CA SER A 14 0.58 -7.46 -1.85
C SER A 14 1.25 -8.19 -0.67
N SER A 15 1.26 -7.59 0.54
CA SER A 15 1.82 -8.26 1.74
C SER A 15 0.96 -9.47 2.25
N SER A 16 -0.30 -9.67 1.75
CA SER A 16 -1.18 -10.78 2.18
C SER A 16 -0.85 -12.10 1.43
N LEU A 17 -0.55 -13.18 2.19
CA LEU A 17 -0.20 -14.50 1.64
C LEU A 17 -1.46 -15.27 1.15
N ASN A 1 7.88 7.80 -3.86
CA ASN A 1 6.62 7.45 -3.13
C ASN A 1 6.68 7.05 -1.62
N VAL A 2 7.88 7.11 -1.05
CA VAL A 2 8.18 6.83 0.38
C VAL A 2 7.72 8.01 1.30
N HIS A 3 8.20 9.24 1.03
CA HIS A 3 7.82 10.47 1.77
C HIS A 3 6.32 10.88 1.71
N THR A 4 5.74 10.81 0.51
CA THR A 4 4.33 11.15 0.23
C THR A 4 3.35 10.07 0.76
N PHE A 5 3.34 8.89 0.13
CA PHE A 5 2.47 7.76 0.51
C PHE A 5 3.08 6.92 1.67
N ARG A 6 2.18 6.40 2.52
CA ARG A 6 2.51 5.54 3.66
C ARG A 6 2.64 4.07 3.20
N GLY A 7 1.48 3.43 2.98
CA GLY A 7 1.41 2.04 2.47
C GLY A 7 0.02 1.41 2.56
N ILE A 8 -0.97 2.05 1.89
CA ILE A 8 -2.37 1.57 1.81
C ILE A 8 -2.42 0.35 0.84
N ASN A 9 -2.02 0.58 -0.41
CA ASN A 9 -1.95 -0.45 -1.48
C ASN A 9 -0.87 -1.54 -1.26
N GLY A 10 0.34 -1.14 -0.85
CA GLY A 10 1.47 -2.07 -0.54
C GLY A 10 1.12 -3.21 0.45
N HIS A 11 0.55 -2.85 1.61
CA HIS A 11 0.09 -3.82 2.63
C HIS A 11 -1.16 -4.62 2.17
N ASN A 12 -2.12 -4.00 1.46
CA ASN A 12 -3.32 -4.71 0.92
C ASN A 12 -3.00 -5.91 -0.04
N SER A 13 -1.87 -5.85 -0.77
CA SER A 13 -1.37 -6.88 -1.68
C SER A 13 -0.32 -7.85 -1.08
N SER A 14 0.75 -7.32 -0.47
CA SER A 14 1.82 -8.17 0.14
C SER A 14 1.33 -8.99 1.35
N SER A 15 0.58 -8.38 2.28
CA SER A 15 0.01 -9.11 3.43
C SER A 15 -1.11 -10.13 3.00
N SER A 16 -1.69 -10.04 1.76
CA SER A 16 -2.70 -10.98 1.25
C SER A 16 -2.01 -12.06 0.38
N LEU A 17 -1.83 -13.26 0.95
CA LEU A 17 -1.18 -14.40 0.27
C LEU A 17 -2.16 -15.13 -0.69
N ASN A 1 -0.02 11.88 -0.84
CA ASN A 1 1.15 12.49 -1.52
C ASN A 1 1.75 11.56 -2.62
N VAL A 2 2.40 12.19 -3.60
CA VAL A 2 3.05 11.51 -4.75
C VAL A 2 4.49 11.02 -4.43
N HIS A 3 5.40 11.94 -4.02
CA HIS A 3 6.81 11.62 -3.69
C HIS A 3 7.02 10.63 -2.51
N THR A 4 6.30 10.85 -1.40
CA THR A 4 6.32 9.99 -0.20
C THR A 4 5.36 8.78 -0.37
N PHE A 5 4.03 9.04 -0.32
CA PHE A 5 2.95 8.02 -0.46
C PHE A 5 2.84 7.06 0.77
N ARG A 6 1.59 6.75 1.14
CA ARG A 6 1.24 5.83 2.24
C ARG A 6 1.22 4.36 1.72
N GLY A 7 0.14 4.02 1.01
CA GLY A 7 -0.08 2.69 0.43
C GLY A 7 -1.00 1.79 1.29
N ILE A 8 -2.26 2.21 1.45
CA ILE A 8 -3.31 1.46 2.19
C ILE A 8 -3.70 0.18 1.40
N ASN A 9 -4.19 0.38 0.16
CA ASN A 9 -4.57 -0.69 -0.80
C ASN A 9 -3.42 -1.64 -1.22
N GLY A 10 -2.25 -1.05 -1.58
CA GLY A 10 -1.04 -1.83 -1.96
C GLY A 10 -0.59 -2.87 -0.91
N HIS A 11 -0.46 -2.46 0.36
CA HIS A 11 -0.11 -3.35 1.49
C HIS A 11 -1.22 -4.40 1.80
N ASN A 12 -2.52 -4.02 1.69
CA ASN A 12 -3.66 -4.95 1.91
C ASN A 12 -3.67 -6.24 1.01
N SER A 13 -3.12 -6.17 -0.22
CA SER A 13 -3.02 -7.32 -1.15
C SER A 13 -1.58 -7.88 -1.34
N SER A 14 -0.52 -7.05 -1.46
CA SER A 14 0.87 -7.55 -1.59
C SER A 14 1.41 -8.25 -0.33
N SER A 15 1.28 -7.62 0.85
CA SER A 15 1.70 -8.25 2.13
C SER A 15 0.78 -9.46 2.56
N SER A 16 -0.40 -9.66 1.91
CA SER A 16 -1.32 -10.77 2.19
C SER A 16 -0.96 -12.01 1.33
N LEU A 17 -0.60 -13.12 2.00
CA LEU A 17 -0.21 -14.39 1.33
C LEU A 17 -1.45 -15.17 0.81
N ASN A 1 -5.03 5.74 -6.25
CA ASN A 1 -3.96 4.87 -6.80
C ASN A 1 -2.85 4.59 -5.75
N VAL A 2 -2.17 3.44 -5.90
CA VAL A 2 -1.04 3.01 -5.03
C VAL A 2 0.19 3.95 -5.07
N HIS A 3 0.64 4.37 -6.28
CA HIS A 3 1.77 5.31 -6.49
C HIS A 3 1.65 6.71 -5.81
N THR A 4 0.44 7.30 -5.89
CA THR A 4 0.11 8.60 -5.28
C THR A 4 0.18 8.57 -3.73
N PHE A 5 -0.71 7.76 -3.10
CA PHE A 5 -0.75 7.57 -1.64
C PHE A 5 0.45 6.75 -1.07
N ARG A 6 0.51 6.65 0.28
CA ARG A 6 1.54 5.89 1.01
C ARG A 6 1.52 4.37 0.69
N GLY A 7 0.44 3.71 1.13
CA GLY A 7 0.24 2.28 0.86
C GLY A 7 -0.86 1.62 1.69
N ILE A 8 -2.11 2.09 1.53
CA ILE A 8 -3.31 1.55 2.21
C ILE A 8 -3.69 0.19 1.52
N ASN A 9 -4.00 0.28 0.21
CA ASN A 9 -4.34 -0.88 -0.64
C ASN A 9 -3.13 -1.77 -1.03
N GLY A 10 -1.98 -1.14 -1.38
CA GLY A 10 -0.73 -1.86 -1.73
C GLY A 10 -0.26 -2.90 -0.70
N HIS A 11 -0.12 -2.50 0.57
CA HIS A 11 0.24 -3.39 1.70
C HIS A 11 -0.88 -4.41 2.03
N ASN A 12 -2.18 -4.01 1.97
CA ASN A 12 -3.31 -4.94 2.21
C ASN A 12 -3.33 -6.18 1.25
N SER A 13 -3.01 -5.97 -0.05
CA SER A 13 -2.93 -7.03 -1.07
C SER A 13 -1.57 -7.77 -1.16
N SER A 14 -0.42 -7.07 -1.22
CA SER A 14 0.91 -7.74 -1.28
C SER A 14 1.28 -8.51 0.00
N SER A 15 1.10 -7.90 1.20
CA SER A 15 1.35 -8.62 2.47
C SER A 15 0.33 -9.80 2.73
N SER A 16 -0.84 -9.86 2.03
CA SER A 16 -1.83 -10.94 2.16
C SER A 16 -1.60 -11.99 1.05
N LEU A 17 -0.98 -13.12 1.42
CA LEU A 17 -0.68 -14.22 0.47
C LEU A 17 -1.92 -15.11 0.22
N ASN A 1 0.63 7.64 -6.51
CA ASN A 1 0.49 6.65 -5.39
C ASN A 1 1.63 6.52 -4.32
N VAL A 2 2.68 7.32 -4.50
CA VAL A 2 3.87 7.44 -3.63
C VAL A 2 3.93 8.87 -3.00
N HIS A 3 3.87 9.93 -3.82
CA HIS A 3 3.90 11.35 -3.39
C HIS A 3 2.69 11.81 -2.50
N THR A 4 1.46 11.48 -2.94
CA THR A 4 0.20 11.79 -2.22
C THR A 4 -0.15 10.63 -1.24
N PHE A 5 -0.35 9.42 -1.81
CA PHE A 5 -0.69 8.20 -1.05
C PHE A 5 0.56 7.52 -0.42
N ARG A 6 0.34 6.89 0.74
CA ARG A 6 1.36 6.15 1.49
C ARG A 6 1.44 4.69 0.98
N GLY A 7 0.48 3.88 1.43
CA GLY A 7 0.35 2.46 1.01
C GLY A 7 -0.67 1.65 1.82
N ILE A 8 -1.93 2.11 1.81
CA ILE A 8 -3.07 1.44 2.47
C ILE A 8 -3.46 0.17 1.67
N ASN A 9 -3.83 0.37 0.39
CA ASN A 9 -4.19 -0.70 -0.58
C ASN A 9 -3.02 -1.63 -0.98
N GLY A 10 -1.84 -1.04 -1.28
CA GLY A 10 -0.61 -1.81 -1.63
C GLY A 10 -0.21 -2.91 -0.63
N HIS A 11 -0.11 -2.56 0.66
CA HIS A 11 0.19 -3.52 1.76
C HIS A 11 -0.96 -4.51 2.02
N ASN A 12 -2.25 -4.08 1.91
CA ASN A 12 -3.42 -4.96 2.09
C ASN A 12 -3.48 -6.18 1.10
N SER A 13 -2.95 -6.04 -0.14
CA SER A 13 -2.89 -7.11 -1.16
C SER A 13 -1.53 -7.82 -1.27
N SER A 14 -0.39 -7.08 -1.33
CA SER A 14 0.95 -7.70 -1.40
C SER A 14 1.34 -8.49 -0.13
N SER A 15 1.15 -7.91 1.06
CA SER A 15 1.43 -8.63 2.34
C SER A 15 0.39 -9.79 2.61
N SER A 16 -0.76 -9.86 1.89
CA SER A 16 -1.77 -10.93 2.04
C SER A 16 -1.43 -12.11 1.10
N LEU A 17 -1.16 -13.29 1.69
CA LEU A 17 -0.82 -14.52 0.94
C LEU A 17 -2.08 -15.19 0.31
N ASN A 1 -3.28 13.29 0.15
CA ASN A 1 -2.71 11.93 -0.04
C ASN A 1 -3.29 11.03 -1.18
N VAL A 2 -4.11 11.61 -2.05
CA VAL A 2 -4.74 10.96 -3.23
C VAL A 2 -3.69 10.76 -4.37
N HIS A 3 -3.08 11.85 -4.86
CA HIS A 3 -2.03 11.83 -5.90
C HIS A 3 -0.70 11.12 -5.52
N THR A 4 -0.20 11.42 -4.31
CA THR A 4 1.03 10.84 -3.74
C THR A 4 0.79 9.39 -3.22
N PHE A 5 0.08 9.26 -2.07
CA PHE A 5 -0.27 7.97 -1.42
C PHE A 5 0.94 7.24 -0.77
N ARG A 6 0.69 6.69 0.43
CA ARG A 6 1.68 5.91 1.21
C ARG A 6 1.68 4.43 0.74
N GLY A 7 0.62 3.71 1.12
CA GLY A 7 0.40 2.30 0.73
C GLY A 7 -0.64 1.55 1.58
N ILE A 8 -1.87 2.10 1.62
CA ILE A 8 -3.02 1.50 2.35
C ILE A 8 -3.53 0.24 1.57
N ASN A 9 -3.92 0.46 0.31
CA ASN A 9 -4.38 -0.59 -0.63
C ASN A 9 -3.33 -1.65 -1.01
N GLY A 10 -2.09 -1.21 -1.34
CA GLY A 10 -0.97 -2.14 -1.67
C GLY A 10 -0.70 -3.12 -0.54
N HIS A 11 -0.38 -2.68 0.70
CA HIS A 11 -0.15 -3.58 1.86
C HIS A 11 -1.33 -4.53 2.10
N ASN A 12 -2.60 -4.13 1.82
CA ASN A 12 -3.74 -5.08 1.97
C ASN A 12 -3.61 -6.23 0.88
N SER A 13 -3.13 -5.86 -0.34
CA SER A 13 -2.81 -6.79 -1.49
C SER A 13 -1.67 -7.83 -1.09
N SER A 14 -0.95 -7.39 -0.06
CA SER A 14 0.23 -7.87 0.73
C SER A 14 1.48 -7.29 0.08
N SER A 15 1.32 -5.97 -0.18
CA SER A 15 2.26 -5.08 -0.84
C SER A 15 2.44 -5.67 -2.29
N SER A 16 1.28 -6.18 -2.85
CA SER A 16 1.20 -6.77 -4.20
C SER A 16 0.78 -5.71 -5.24
N LEU A 17 1.71 -5.36 -6.15
CA LEU A 17 1.48 -4.37 -7.22
C LEU A 17 0.64 -4.93 -8.39
N ASN A 1 3.55 8.79 -5.63
CA ASN A 1 4.92 9.22 -5.25
C ASN A 1 5.36 8.64 -3.87
N VAL A 2 6.69 8.56 -3.67
CA VAL A 2 7.33 8.03 -2.43
C VAL A 2 7.10 8.93 -1.17
N HIS A 3 7.38 10.24 -1.27
CA HIS A 3 7.22 11.22 -0.16
C HIS A 3 5.78 11.41 0.40
N THR A 4 4.80 11.56 -0.51
CA THR A 4 3.38 11.74 -0.19
C THR A 4 2.68 10.39 0.15
N PHE A 5 2.52 9.51 -0.85
CA PHE A 5 1.87 8.19 -0.70
C PHE A 5 2.84 7.16 -0.07
N ARG A 6 2.38 6.50 1.01
CA ARG A 6 3.14 5.48 1.76
C ARG A 6 2.99 4.08 1.10
N GLY A 7 1.82 3.47 1.36
CA GLY A 7 1.47 2.14 0.78
C GLY A 7 0.33 1.46 1.56
N ILE A 8 -0.86 2.10 1.55
CA ILE A 8 -2.09 1.59 2.20
C ILE A 8 -2.63 0.37 1.39
N ASN A 9 -2.94 0.62 0.11
CA ASN A 9 -3.42 -0.40 -0.87
C ASN A 9 -2.41 -1.53 -1.20
N GLY A 10 -1.14 -1.16 -1.45
CA GLY A 10 -0.04 -2.12 -1.74
C GLY A 10 0.11 -3.25 -0.69
N HIS A 11 0.22 -2.87 0.60
CA HIS A 11 0.31 -3.82 1.73
C HIS A 11 -1.02 -4.61 1.97
N ASN A 12 -2.20 -3.98 1.78
CA ASN A 12 -3.52 -4.63 1.93
C ASN A 12 -3.75 -5.87 0.97
N SER A 13 -3.17 -5.85 -0.26
CA SER A 13 -3.24 -6.94 -1.23
C SER A 13 -2.00 -7.86 -1.30
N SER A 14 -0.75 -7.32 -1.31
CA SER A 14 0.47 -8.16 -1.32
C SER A 14 0.67 -8.97 -0.02
N SER A 15 0.56 -8.34 1.16
CA SER A 15 0.66 -9.06 2.45
C SER A 15 -0.54 -10.03 2.72
N SER A 16 -1.67 -9.94 1.95
CA SER A 16 -2.84 -10.83 2.08
C SER A 16 -2.67 -12.07 1.17
N LEU A 17 -2.62 -13.27 1.80
CA LEU A 17 -2.46 -14.54 1.08
C LEU A 17 -3.78 -15.02 0.42
N ASN A 1 8.13 6.74 -3.03
CA ASN A 1 8.89 7.00 -1.77
C ASN A 1 8.03 6.74 -0.49
N VAL A 2 8.74 6.46 0.62
CA VAL A 2 8.13 6.18 1.94
C VAL A 2 7.41 7.41 2.58
N HIS A 3 8.07 8.58 2.65
CA HIS A 3 7.51 9.83 3.22
C HIS A 3 6.24 10.40 2.53
N THR A 4 6.26 10.48 1.19
CA THR A 4 5.17 10.98 0.35
C THR A 4 4.05 9.90 0.16
N PHE A 5 4.36 8.84 -0.59
CA PHE A 5 3.42 7.72 -0.89
C PHE A 5 3.32 6.75 0.31
N ARG A 6 2.07 6.50 0.75
CA ARG A 6 1.75 5.60 1.89
C ARG A 6 1.61 4.13 1.41
N GLY A 7 0.48 3.86 0.73
CA GLY A 7 0.16 2.52 0.20
C GLY A 7 -0.81 1.75 1.10
N ILE A 8 -2.05 2.25 1.25
CA ILE A 8 -3.13 1.63 2.04
C ILE A 8 -3.59 0.30 1.37
N ASN A 9 -4.09 0.44 0.12
CA ASN A 9 -4.55 -0.68 -0.73
C ASN A 9 -3.45 -1.73 -1.08
N GLY A 10 -2.25 -1.27 -1.48
CA GLY A 10 -1.10 -2.17 -1.78
C GLY A 10 -0.73 -3.02 -0.58
N HIS A 11 -0.44 -2.44 0.62
CA HIS A 11 -0.13 -3.21 1.86
C HIS A 11 -1.23 -4.24 2.19
N ASN A 12 -2.52 -3.99 1.88
CA ASN A 12 -3.57 -5.01 2.12
C ASN A 12 -3.36 -6.20 1.11
N SER A 13 -2.91 -5.88 -0.13
CA SER A 13 -2.52 -6.86 -1.21
C SER A 13 -1.22 -7.68 -0.83
N SER A 14 -0.63 -7.21 0.28
CA SER A 14 0.58 -7.55 1.07
C SER A 14 1.79 -6.94 0.36
N SER A 15 1.53 -5.66 0.01
CA SER A 15 2.40 -4.76 -0.72
C SER A 15 2.62 -5.41 -2.14
N SER A 16 1.51 -6.07 -2.66
CA SER A 16 1.53 -6.73 -3.98
C SER A 16 1.15 -5.74 -5.11
N LEU A 17 2.09 -5.51 -6.04
CA LEU A 17 1.90 -4.59 -7.17
C LEU A 17 1.03 -5.21 -8.29
N ASN A 1 3.86 14.00 -1.60
CA ASN A 1 3.59 12.55 -1.34
C ASN A 1 3.47 11.57 -2.56
N VAL A 2 3.88 12.04 -3.73
CA VAL A 2 3.90 11.28 -5.01
C VAL A 2 5.06 10.23 -5.02
N HIS A 3 6.30 10.70 -4.84
CA HIS A 3 7.52 9.84 -4.77
C HIS A 3 7.62 8.92 -3.53
N THR A 4 7.35 9.48 -2.34
CA THR A 4 7.35 8.77 -1.04
C THR A 4 6.14 7.80 -0.91
N PHE A 5 4.91 8.37 -0.80
CA PHE A 5 3.61 7.63 -0.70
C PHE A 5 3.43 6.69 0.53
N ARG A 6 2.18 6.55 0.99
CA ARG A 6 1.80 5.66 2.11
C ARG A 6 1.68 4.18 1.64
N GLY A 7 0.59 3.92 0.91
CA GLY A 7 0.28 2.58 0.36
C GLY A 7 -0.69 1.77 1.23
N ILE A 8 -1.93 2.26 1.39
CA ILE A 8 -3.02 1.60 2.15
C ILE A 8 -3.50 0.34 1.37
N ASN A 9 -3.98 0.57 0.13
CA ASN A 9 -4.45 -0.49 -0.80
C ASN A 9 -3.36 -1.51 -1.23
N GLY A 10 -2.16 -1.02 -1.60
CA GLY A 10 -1.01 -1.88 -1.98
C GLY A 10 -0.62 -2.94 -0.92
N HIS A 11 -0.48 -2.52 0.35
CA HIS A 11 -0.16 -3.42 1.48
C HIS A 11 -1.35 -4.39 1.82
N ASN A 12 -2.62 -3.93 1.69
CA ASN A 12 -3.82 -4.76 1.93
C ASN A 12 -3.92 -6.07 1.06
N SER A 13 -3.33 -6.11 -0.16
CA SER A 13 -3.32 -7.28 -1.05
C SER A 13 -1.90 -7.86 -1.35
N SER A 14 -0.83 -7.05 -1.50
CA SER A 14 0.54 -7.57 -1.74
C SER A 14 1.15 -8.31 -0.53
N SER A 15 1.04 -7.73 0.69
CA SER A 15 1.53 -8.39 1.92
C SER A 15 0.69 -9.65 2.35
N SER A 16 -0.48 -9.94 1.71
CA SER A 16 -1.34 -11.09 2.03
C SER A 16 -0.81 -12.40 1.39
N LEU A 17 -0.59 -13.42 2.24
CA LEU A 17 -0.07 -14.74 1.80
C LEU A 17 -1.11 -15.60 1.03
N ASN A 1 -2.75 10.58 2.54
CA ASN A 1 -3.03 11.61 1.51
C ASN A 1 -3.53 10.99 0.17
N VAL A 2 -4.24 11.81 -0.62
CA VAL A 2 -4.80 11.42 -1.93
C VAL A 2 -3.77 11.51 -3.10
N HIS A 3 -3.21 12.71 -3.34
CA HIS A 3 -2.20 12.95 -4.42
C HIS A 3 -0.87 12.15 -4.29
N THR A 4 -0.28 12.16 -3.08
CA THR A 4 0.96 11.44 -2.75
C THR A 4 0.66 9.95 -2.39
N PHE A 5 0.02 9.71 -1.22
CA PHE A 5 -0.34 8.36 -0.70
C PHE A 5 0.89 7.57 -0.17
N ARG A 6 0.68 6.89 0.96
CA ARG A 6 1.69 6.05 1.64
C ARG A 6 1.68 4.63 1.03
N GLY A 7 0.69 3.82 1.45
CA GLY A 7 0.50 2.45 0.95
C GLY A 7 -0.55 1.64 1.74
N ILE A 8 -1.79 2.16 1.79
CA ILE A 8 -2.95 1.51 2.45
C ILE A 8 -3.42 0.30 1.58
N ASN A 9 -3.80 0.59 0.33
CA ASN A 9 -4.22 -0.42 -0.67
C ASN A 9 -3.13 -1.45 -1.07
N GLY A 10 -1.90 -0.95 -1.34
CA GLY A 10 -0.73 -1.83 -1.68
C GLY A 10 -0.44 -2.94 -0.64
N HIS A 11 -0.37 -2.58 0.65
CA HIS A 11 -0.17 -3.55 1.75
C HIS A 11 -1.38 -4.50 1.96
N ASN A 12 -2.62 -4.01 1.77
CA ASN A 12 -3.86 -4.84 1.88
C ASN A 12 -3.92 -6.09 0.94
N SER A 13 -3.24 -6.09 -0.23
CA SER A 13 -3.19 -7.22 -1.17
C SER A 13 -1.77 -7.81 -1.40
N SER A 14 -0.67 -7.02 -1.44
CA SER A 14 0.70 -7.56 -1.61
C SER A 14 1.21 -8.36 -0.39
N SER A 15 1.03 -7.84 0.84
CA SER A 15 1.42 -8.56 2.07
C SER A 15 0.52 -9.83 2.38
N SER A 16 -0.60 -10.05 1.64
CA SER A 16 -1.51 -11.19 1.86
C SER A 16 -0.97 -12.49 1.19
N LEU A 17 -0.81 -13.55 2.00
CA LEU A 17 -0.29 -14.86 1.54
C LEU A 17 -1.37 -15.66 0.74
N ASN A 1 7.33 7.28 -3.67
CA ASN A 1 8.13 7.48 -2.43
C ASN A 1 7.56 6.68 -1.21
N VAL A 2 8.45 6.43 -0.24
CA VAL A 2 8.13 5.67 1.01
C VAL A 2 7.62 6.61 2.15
N HIS A 3 8.39 7.65 2.51
CA HIS A 3 8.05 8.63 3.57
C HIS A 3 6.73 9.43 3.38
N THR A 4 6.54 10.00 2.18
CA THR A 4 5.34 10.76 1.79
C THR A 4 4.15 9.82 1.43
N PHE A 5 4.26 9.09 0.31
CA PHE A 5 3.21 8.17 -0.17
C PHE A 5 3.22 6.82 0.62
N ARG A 6 2.06 6.46 1.19
CA ARG A 6 1.88 5.23 1.98
C ARG A 6 1.62 3.99 1.08
N GLY A 7 0.41 3.96 0.54
CA GLY A 7 -0.08 2.89 -0.35
C GLY A 7 -0.99 1.93 0.44
N ILE A 8 -2.15 2.44 0.91
CA ILE A 8 -3.19 1.69 1.66
C ILE A 8 -3.64 0.40 0.90
N ASN A 9 -4.06 0.60 -0.35
CA ASN A 9 -4.49 -0.47 -1.29
C ASN A 9 -3.37 -1.50 -1.60
N GLY A 10 -2.17 -1.01 -1.93
CA GLY A 10 -0.97 -1.88 -2.20
C GLY A 10 -0.63 -2.84 -1.05
N HIS A 11 -0.56 -2.33 0.20
CA HIS A 11 -0.30 -3.14 1.41
C HIS A 11 -1.45 -4.15 1.72
N ASN A 12 -2.74 -3.79 1.47
CA ASN A 12 -3.90 -4.68 1.66
C ASN A 12 -3.87 -6.04 0.87
N SER A 13 -3.18 -6.11 -0.30
CA SER A 13 -3.04 -7.33 -1.11
C SER A 13 -1.58 -7.86 -1.23
N SER A 14 -0.53 -7.01 -1.33
CA SER A 14 0.88 -7.48 -1.41
C SER A 14 1.39 -8.11 -0.10
N SER A 15 1.13 -7.49 1.06
CA SER A 15 1.53 -8.06 2.38
C SER A 15 0.71 -9.33 2.78
N SER A 16 -0.39 -9.71 2.05
CA SER A 16 -1.22 -10.89 2.35
C SER A 16 -0.57 -12.19 1.83
N LEU A 17 -0.37 -13.17 2.74
CA LEU A 17 0.25 -14.48 2.41
C LEU A 17 -0.75 -15.43 1.68
N ASN A 1 3.04 12.00 -8.29
CA ASN A 1 2.07 11.90 -7.16
C ASN A 1 2.39 10.97 -5.95
N VAL A 2 3.59 10.39 -5.94
CA VAL A 2 4.11 9.47 -4.90
C VAL A 2 4.22 10.09 -3.47
N HIS A 3 4.66 11.36 -3.36
CA HIS A 3 4.78 12.13 -2.09
C HIS A 3 3.52 12.19 -1.19
N THR A 4 2.34 12.36 -1.81
CA THR A 4 1.03 12.41 -1.15
C THR A 4 0.60 11.02 -0.58
N PHE A 5 0.43 10.03 -1.48
CA PHE A 5 0.04 8.64 -1.11
C PHE A 5 1.16 7.84 -0.38
N ARG A 6 0.74 7.02 0.60
CA ARG A 6 1.64 6.14 1.38
C ARG A 6 1.62 4.71 0.78
N GLY A 7 0.55 3.97 1.09
CA GLY A 7 0.34 2.60 0.58
C GLY A 7 -0.68 1.81 1.42
N ILE A 8 -1.94 2.30 1.43
CA ILE A 8 -3.07 1.67 2.14
C ILE A 8 -3.49 0.36 1.39
N ASN A 9 -3.86 0.52 0.11
CA ASN A 9 -4.25 -0.58 -0.80
C ASN A 9 -3.12 -1.60 -1.13
N GLY A 10 -1.91 -1.09 -1.44
CA GLY A 10 -0.71 -1.92 -1.73
C GLY A 10 -0.38 -2.97 -0.64
N HIS A 11 -0.28 -2.53 0.62
CA HIS A 11 -0.05 -3.41 1.79
C HIS A 11 -1.26 -4.35 2.09
N ASN A 12 -2.51 -3.88 1.92
CA ASN A 12 -3.73 -4.70 2.12
C ASN A 12 -3.81 -6.02 1.26
N SER A 13 -3.23 -6.03 0.05
CA SER A 13 -3.20 -7.21 -0.84
C SER A 13 -1.79 -7.84 -1.07
N SER A 14 -0.69 -7.06 -1.15
CA SER A 14 0.68 -7.63 -1.32
C SER A 14 1.16 -8.45 -0.10
N SER A 15 0.99 -7.94 1.13
CA SER A 15 1.36 -8.70 2.35
C SER A 15 0.58 -10.05 2.54
N SER A 16 -0.62 -10.15 1.92
CA SER A 16 -1.51 -11.33 1.97
C SER A 16 -1.03 -12.43 0.99
N LEU A 17 -0.80 -13.64 1.52
CA LEU A 17 -0.34 -14.81 0.73
C LEU A 17 -1.50 -15.45 -0.08
#